data_9BKY
#
_entry.id   9BKY
#
_cell.length_a   86.399
_cell.length_b   86.399
_cell.length_c   132.663
_cell.angle_alpha   90.00
_cell.angle_beta   90.00
_cell.angle_gamma   90.00
#
_symmetry.space_group_name_H-M   'P 43 21 2'
#
loop_
_entity.id
_entity.type
_entity.pdbx_description
1 polymer 'XYPPX repeat family protein'
2 non-polymer 'SULFATE ION'
3 non-polymer GLYCEROL
4 water water
#
_entity_poly.entity_id   1
_entity_poly.type   'polypeptide(L)'
_entity_poly.pdbx_seq_one_letter_code
;MAHHHHHHMTLTFNIKVIEAKDLPKVDTFGKVDPYVQIQLGNEKCKTKVIKKSYNPVWNETFSIPVTNPKAPLNITVVDY
DFIGSNDAFAYIHFNQQEFNVGQVVDKWYMLNSYKAGRSAGQIHLVIHLATQNMKPFE
;
_entity_poly.pdbx_strand_id   A,B,C
#
# COMPACT_ATOMS: atom_id res chain seq x y z
N HIS A 8 -24.21 13.09 5.12
CA HIS A 8 -22.85 13.27 4.56
C HIS A 8 -22.63 12.46 3.29
N MET A 9 -21.95 13.08 2.33
CA MET A 9 -21.58 12.47 1.06
C MET A 9 -20.28 11.71 1.09
N THR A 10 -19.37 12.04 2.00
CA THR A 10 -18.12 11.30 2.16
C THR A 10 -18.39 9.89 2.66
N LEU A 11 -17.85 8.91 1.94
CA LEU A 11 -17.94 7.51 2.30
C LEU A 11 -16.73 7.02 3.08
N THR A 12 -16.95 5.98 3.88
CA THR A 12 -15.91 5.37 4.68
C THR A 12 -16.04 3.86 4.55
N PHE A 13 -14.91 3.17 4.40
CA PHE A 13 -14.87 1.71 4.52
C PHE A 13 -14.67 1.35 5.99
N ASN A 14 -15.69 0.79 6.60
CA ASN A 14 -15.59 0.20 7.92
C ASN A 14 -15.26 -1.27 7.72
N ILE A 15 -14.09 -1.69 8.18
CA ILE A 15 -13.64 -3.05 7.98
C ILE A 15 -13.25 -3.65 9.32
N LYS A 16 -13.85 -4.77 9.66
CA LYS A 16 -13.44 -5.52 10.84
C LYS A 16 -12.65 -6.73 10.36
N VAL A 17 -11.39 -6.79 10.77
CA VAL A 17 -10.52 -7.93 10.50
C VAL A 17 -10.70 -8.87 11.69
N ILE A 18 -11.51 -9.90 11.52
CA ILE A 18 -11.87 -10.71 12.67
C ILE A 18 -10.78 -11.75 12.93
N GLU A 19 -10.48 -12.57 11.93
CA GLU A 19 -9.64 -13.76 12.15
C GLU A 19 -9.26 -14.36 10.80
N ALA A 20 -8.37 -15.34 10.85
CA ALA A 20 -8.03 -16.17 9.71
C ALA A 20 -7.92 -17.62 10.17
N LYS A 21 -7.99 -18.53 9.20
CA LYS A 21 -7.84 -19.95 9.53
C LYS A 21 -7.01 -20.65 8.46
N ASP A 22 -6.33 -21.70 8.89
CA ASP A 22 -5.59 -22.59 8.00
C ASP A 22 -4.48 -21.86 7.26
N LEU A 23 -3.83 -20.93 7.94
CA LEU A 23 -2.69 -20.26 7.36
C LEU A 23 -1.52 -21.22 7.20
N PRO A 24 -0.64 -20.95 6.24
CA PRO A 24 0.49 -21.85 5.98
C PRO A 24 1.66 -21.60 6.93
N LYS A 25 2.56 -22.58 6.98
CA LYS A 25 3.79 -22.48 7.75
C LYS A 25 4.81 -21.68 6.93
N VAL A 26 5.15 -20.48 7.38
CA VAL A 26 6.03 -19.62 6.59
C VAL A 26 7.19 -18.99 7.36
N ASP A 27 7.16 -19.04 8.69
CA ASP A 27 8.21 -18.40 9.49
C ASP A 27 9.37 -19.34 9.75
N THR A 28 10.58 -18.78 9.76
CA THR A 28 11.77 -19.60 9.91
C THR A 28 11.77 -20.41 11.20
N PHE A 29 11.35 -19.79 12.31
CA PHE A 29 11.35 -20.47 13.59
C PHE A 29 9.97 -20.98 14.01
N GLY A 30 9.16 -21.37 13.04
CA GLY A 30 7.97 -22.15 13.31
C GLY A 30 6.68 -21.42 12.97
N LYS A 31 5.69 -22.18 12.53
CA LYS A 31 4.33 -21.73 12.25
C LYS A 31 4.36 -20.43 11.46
N VAL A 32 3.60 -19.42 11.86
CA VAL A 32 3.50 -18.12 11.25
C VAL A 32 3.14 -17.15 12.37
N ASP A 33 3.52 -15.89 12.20
CA ASP A 33 3.23 -14.81 13.14
C ASP A 33 2.44 -13.75 12.39
N PRO A 34 1.16 -13.99 12.17
CA PRO A 34 0.44 -13.22 11.16
C PRO A 34 -0.09 -11.87 11.63
N TYR A 35 -0.05 -10.92 10.69
CA TYR A 35 -0.84 -9.70 10.80
C TYR A 35 -1.44 -9.40 9.43
N VAL A 36 -2.48 -8.56 9.42
CA VAL A 36 -3.19 -8.18 8.21
C VAL A 36 -2.94 -6.71 7.92
N GLN A 37 -2.64 -6.41 6.67
CA GLN A 37 -2.50 -5.04 6.20
C GLN A 37 -3.63 -4.73 5.23
N ILE A 38 -4.29 -3.58 5.44
CA ILE A 38 -5.34 -3.09 4.55
C ILE A 38 -4.77 -1.91 3.80
N GLN A 39 -4.89 -1.94 2.47
CA GLN A 39 -4.43 -0.87 1.60
C GLN A 39 -5.59 -0.36 0.77
N LEU A 40 -5.82 0.96 0.80
CA LEU A 40 -6.78 1.63 -0.08
C LEU A 40 -6.04 2.85 -0.65
N GLY A 41 -5.46 2.70 -1.85
CA GLY A 41 -4.63 3.77 -2.38
C GLY A 41 -3.42 4.01 -1.48
N ASN A 42 -3.23 5.26 -1.07
CA ASN A 42 -2.08 5.60 -0.23
CA ASN A 42 -2.10 5.66 -0.23
C ASN A 42 -2.36 5.42 1.26
N GLU A 43 -3.55 4.97 1.62
CA GLU A 43 -3.91 4.77 3.03
C GLU A 43 -3.61 3.31 3.35
N LYS A 44 -2.78 3.08 4.36
CA LYS A 44 -2.46 1.72 4.79
C LYS A 44 -2.59 1.65 6.32
N CYS A 45 -3.11 0.52 6.79
CA CYS A 45 -3.16 0.25 8.21
C CYS A 45 -2.97 -1.26 8.42
N LYS A 46 -2.67 -1.63 9.65
CA LYS A 46 -2.40 -3.04 9.90
C LYS A 46 -2.86 -3.43 11.29
N THR A 47 -3.16 -4.71 11.45
CA THR A 47 -3.50 -5.28 12.73
C THR A 47 -2.23 -5.48 13.57
N LYS A 48 -2.43 -5.83 14.83
CA LYS A 48 -1.37 -6.37 15.64
C LYS A 48 -0.91 -7.73 15.11
N VAL A 49 0.28 -8.13 15.54
CA VAL A 49 0.83 -9.45 15.23
C VAL A 49 0.31 -10.44 16.26
N ILE A 50 -0.17 -11.59 15.80
CA ILE A 50 -0.50 -12.72 16.68
C ILE A 50 0.65 -13.71 16.58
N LYS A 51 1.22 -14.11 17.71
CA LYS A 51 2.41 -14.96 17.67
C LYS A 51 2.05 -16.43 17.45
N LYS A 52 2.75 -17.06 16.49
CA LYS A 52 2.77 -18.51 16.28
C LYS A 52 1.36 -19.12 16.26
N SER A 53 0.58 -18.72 15.26
CA SER A 53 -0.84 -19.08 15.20
C SER A 53 -1.27 -19.27 13.76
N TYR A 54 -1.78 -20.47 13.44
CA TYR A 54 -2.37 -20.73 12.14
C TYR A 54 -3.82 -20.27 12.05
N ASN A 55 -4.46 -20.00 13.18
CA ASN A 55 -5.87 -19.61 13.26
C ASN A 55 -5.97 -18.34 14.10
N PRO A 56 -5.33 -17.27 13.66
CA PRO A 56 -5.28 -16.05 14.49
C PRO A 56 -6.64 -15.38 14.61
N VAL A 57 -6.88 -14.78 15.77
CA VAL A 57 -8.06 -13.95 16.01
C VAL A 57 -7.59 -12.55 16.43
N TRP A 58 -7.86 -11.56 15.57
CA TRP A 58 -7.47 -10.17 15.84
C TRP A 58 -8.62 -9.34 16.41
N ASN A 59 -9.80 -9.44 15.80
CA ASN A 59 -10.97 -8.65 16.19
C ASN A 59 -10.65 -7.16 16.25
N GLU A 60 -10.03 -6.65 15.17
CA GLU A 60 -9.66 -5.24 15.07
C GLU A 60 -10.47 -4.56 13.97
N THR A 61 -10.92 -3.35 14.27
CA THR A 61 -11.81 -2.59 13.40
C THR A 61 -11.13 -1.33 12.89
N PHE A 62 -11.30 -1.08 11.60
CA PHE A 62 -10.70 0.05 10.90
C PHE A 62 -11.79 0.86 10.21
N SER A 63 -11.55 2.15 10.09
N SER A 63 -11.54 2.14 10.09
CA SER A 63 -12.46 3.05 9.37
CA SER A 63 -12.45 3.05 9.38
C SER A 63 -11.62 3.90 8.44
C SER A 63 -11.57 3.85 8.44
N ILE A 64 -11.74 3.64 7.14
CA ILE A 64 -10.88 4.25 6.13
C ILE A 64 -11.70 5.14 5.24
N PRO A 65 -11.45 6.45 5.22
CA PRO A 65 -12.22 7.33 4.35
C PRO A 65 -11.90 7.09 2.89
N VAL A 66 -12.94 7.20 2.07
CA VAL A 66 -12.81 7.04 0.63
C VAL A 66 -12.60 8.43 0.04
N THR A 67 -11.35 8.72 -0.28
CA THR A 67 -11.02 9.98 -0.94
C THR A 67 -10.76 9.76 -2.43
N ASN A 68 -10.54 8.52 -2.83
CA ASN A 68 -10.22 8.15 -4.21
C ASN A 68 -11.13 6.98 -4.56
N PRO A 69 -12.17 7.18 -5.35
CA PRO A 69 -13.13 6.09 -5.59
C PRO A 69 -12.60 4.98 -6.50
N LYS A 70 -11.48 5.18 -7.17
CA LYS A 70 -10.88 4.18 -8.06
C LYS A 70 -9.80 3.33 -7.40
N ALA A 71 -9.43 3.59 -6.16
CA ALA A 71 -8.36 2.82 -5.55
C ALA A 71 -8.86 1.40 -5.29
N PRO A 72 -8.10 0.36 -5.63
CA PRO A 72 -8.54 -0.97 -5.23
C PRO A 72 -8.34 -1.16 -3.74
N LEU A 73 -9.16 -2.02 -3.17
CA LEU A 73 -9.03 -2.41 -1.77
C LEU A 73 -8.21 -3.69 -1.75
N ASN A 74 -7.03 -3.63 -1.15
CA ASN A 74 -6.12 -4.78 -1.13
C ASN A 74 -5.87 -5.18 0.32
N ILE A 75 -6.11 -6.44 0.62
CA ILE A 75 -5.95 -6.99 1.95
C ILE A 75 -4.88 -8.07 1.87
N THR A 76 -3.84 -7.95 2.67
CA THR A 76 -2.73 -8.89 2.65
C THR A 76 -2.49 -9.46 4.03
N VAL A 77 -2.12 -10.73 4.07
CA VAL A 77 -1.69 -11.39 5.31
C VAL A 77 -0.19 -11.58 5.24
N VAL A 78 0.49 -11.17 6.30
CA VAL A 78 1.94 -11.02 6.34
C VAL A 78 2.49 -11.79 7.54
N ASP A 79 3.63 -12.44 7.36
CA ASP A 79 4.33 -13.07 8.46
C ASP A 79 5.30 -12.07 9.08
N TYR A 80 5.09 -11.73 10.35
CA TYR A 80 6.06 -10.93 11.07
C TYR A 80 7.31 -11.76 11.36
N ASP A 81 8.46 -11.23 11.00
CA ASP A 81 9.74 -11.88 11.27
C ASP A 81 10.52 -10.96 12.20
N PHE A 82 10.78 -11.43 13.41
CA PHE A 82 11.43 -10.55 14.38
C PHE A 82 12.89 -10.29 14.03
N ILE A 83 13.46 -11.10 13.14
CA ILE A 83 14.89 -11.01 12.83
C ILE A 83 15.13 -10.89 11.34
N GLY A 84 14.11 -10.50 10.59
CA GLY A 84 14.30 -10.34 9.16
C GLY A 84 13.15 -9.57 8.53
N SER A 85 13.08 -9.61 7.21
CA SER A 85 12.01 -8.91 6.52
C SER A 85 10.69 -9.64 6.76
N ASN A 86 9.61 -8.86 6.86
CA ASN A 86 8.25 -9.38 6.97
C ASN A 86 7.74 -9.71 5.58
N ASP A 87 7.32 -10.96 5.36
CA ASP A 87 6.99 -11.39 4.01
C ASP A 87 5.49 -11.63 3.90
N ALA A 88 4.88 -10.92 2.97
CA ALA A 88 3.47 -11.14 2.67
C ALA A 88 3.37 -12.49 1.99
N PHE A 89 2.36 -13.27 2.35
CA PHE A 89 2.21 -14.55 1.71
C PHE A 89 0.83 -14.79 1.11
N ALA A 90 -0.16 -13.94 1.37
CA ALA A 90 -1.50 -14.12 0.83
C ALA A 90 -2.20 -12.77 0.73
N TYR A 91 -3.19 -12.71 -0.16
CA TYR A 91 -3.92 -11.47 -0.41
C TYR A 91 -5.33 -11.76 -0.91
N ILE A 92 -6.21 -10.77 -0.75
CA ILE A 92 -7.44 -10.70 -1.53
C ILE A 92 -7.60 -9.24 -1.93
N HIS A 93 -8.16 -8.99 -3.11
CA HIS A 93 -8.31 -7.63 -3.60
C HIS A 93 -9.68 -7.46 -4.24
N PHE A 94 -10.21 -6.25 -4.09
CA PHE A 94 -11.54 -5.90 -4.57
C PHE A 94 -11.55 -4.57 -5.31
N ASN A 95 -12.36 -4.51 -6.36
CA ASN A 95 -12.84 -3.21 -6.81
C ASN A 95 -13.76 -2.66 -5.72
N GLN A 96 -13.69 -1.36 -5.45
CA GLN A 96 -14.56 -0.78 -4.43
C GLN A 96 -16.03 -0.99 -4.74
N GLN A 97 -16.40 -1.05 -6.03
CA GLN A 97 -17.81 -1.24 -6.37
C GLN A 97 -18.31 -2.65 -6.11
N GLU A 98 -17.46 -3.55 -5.63
CA GLU A 98 -17.97 -4.85 -5.21
C GLU A 98 -18.78 -4.73 -3.93
N PHE A 99 -18.78 -3.56 -3.30
CA PHE A 99 -19.49 -3.32 -2.03
C PHE A 99 -20.51 -2.22 -2.27
N ASN A 100 -21.74 -2.43 -1.80
CA ASN A 100 -22.81 -1.46 -1.99
C ASN A 100 -22.86 -0.55 -0.79
N VAL A 101 -23.09 0.74 -1.03
CA VAL A 101 -23.17 1.70 0.05
C VAL A 101 -24.27 1.25 1.00
N GLY A 102 -23.96 1.21 2.30
CA GLY A 102 -24.91 0.84 3.33
C GLY A 102 -24.98 -0.65 3.63
N GLN A 103 -24.35 -1.51 2.85
CA GLN A 103 -24.48 -2.94 3.03
C GLN A 103 -23.39 -3.47 3.94
N VAL A 104 -23.79 -4.25 4.95
CA VAL A 104 -22.81 -4.91 5.82
C VAL A 104 -22.57 -6.30 5.28
N VAL A 105 -21.34 -6.58 4.87
CA VAL A 105 -20.97 -7.86 4.26
C VAL A 105 -20.06 -8.57 5.26
N ASP A 106 -20.55 -9.69 5.82
CA ASP A 106 -19.81 -10.46 6.83
C ASP A 106 -19.54 -11.82 6.19
N LYS A 107 -18.27 -12.07 5.84
CA LYS A 107 -17.95 -13.19 4.97
CA LYS A 107 -17.94 -13.16 4.94
C LYS A 107 -16.56 -13.75 5.26
N TRP A 108 -16.41 -15.04 4.96
CA TRP A 108 -15.12 -15.72 4.90
C TRP A 108 -14.68 -15.75 3.44
N TYR A 109 -13.45 -15.34 3.18
CA TYR A 109 -12.87 -15.31 1.85
C TYR A 109 -11.71 -16.29 1.73
N MET A 110 -11.64 -17.01 0.62
CA MET A 110 -10.45 -17.80 0.33
C MET A 110 -9.30 -16.84 -0.03
N LEU A 111 -8.20 -16.97 0.67
CA LEU A 111 -7.02 -16.15 0.39
C LEU A 111 -6.29 -16.65 -0.85
N ASN A 112 -5.74 -15.71 -1.61
CA ASN A 112 -4.90 -16.05 -2.75
C ASN A 112 -3.45 -16.09 -2.30
N SER A 113 -2.74 -17.15 -2.65
CA SER A 113 -1.31 -17.19 -2.33
C SER A 113 -0.53 -16.44 -3.40
N TYR A 114 0.51 -15.69 -2.98
CA TYR A 114 1.38 -15.09 -3.99
C TYR A 114 2.14 -16.16 -4.75
N LYS A 115 2.57 -17.21 -4.05
CA LYS A 115 3.17 -18.40 -4.66
C LYS A 115 2.08 -19.41 -4.98
N ALA A 116 1.88 -19.67 -6.26
CA ALA A 116 0.76 -20.49 -6.70
C ALA A 116 0.93 -21.94 -6.24
N GLY A 117 -0.21 -22.62 -6.11
CA GLY A 117 -0.24 -24.02 -5.74
C GLY A 117 -0.11 -24.30 -4.27
N ARG A 118 0.01 -23.28 -3.45
CA ARG A 118 0.05 -23.44 -2.01
C ARG A 118 -1.28 -22.95 -1.45
N SER A 119 -1.72 -23.57 -0.36
CA SER A 119 -2.95 -23.11 0.26
C SER A 119 -2.56 -21.94 1.15
N ALA A 120 -3.38 -20.91 1.13
CA ALA A 120 -3.15 -19.76 1.98
C ALA A 120 -4.19 -19.62 3.06
N GLY A 121 -5.16 -20.51 3.11
CA GLY A 121 -6.17 -20.40 4.14
C GLY A 121 -7.32 -19.47 3.76
N GLN A 122 -8.02 -19.00 4.79
CA GLN A 122 -9.19 -18.15 4.62
C GLN A 122 -9.14 -17.00 5.61
N ILE A 123 -9.80 -15.89 5.27
CA ILE A 123 -9.85 -14.73 6.15
C ILE A 123 -11.31 -14.31 6.35
N HIS A 124 -11.66 -13.93 7.58
CA HIS A 124 -13.01 -13.55 7.97
C HIS A 124 -13.03 -12.04 8.17
N LEU A 125 -13.78 -11.33 7.31
CA LEU A 125 -13.86 -9.89 7.32
C LEU A 125 -15.31 -9.44 7.37
N VAL A 126 -15.54 -8.31 8.01
CA VAL A 126 -16.80 -7.58 7.89
C VAL A 126 -16.47 -6.27 7.20
N ILE A 127 -17.12 -6.02 6.07
CA ILE A 127 -16.86 -4.84 5.26
C ILE A 127 -18.17 -4.10 5.08
N HIS A 128 -18.16 -2.81 5.39
CA HIS A 128 -19.35 -1.97 5.37
C HIS A 128 -18.94 -0.62 4.80
N LEU A 129 -19.26 -0.38 3.52
CA LEU A 129 -19.11 0.93 2.91
C LEU A 129 -20.26 1.80 3.39
N ALA A 130 -19.96 2.87 4.12
CA ALA A 130 -20.97 3.60 4.89
C ALA A 130 -20.81 5.11 4.74
N THR A 131 -21.93 5.83 4.91
CA THR A 131 -21.85 7.26 5.14
C THR A 131 -21.38 7.52 6.60
N GLN A 132 -20.99 8.77 6.88
CA GLN A 132 -20.31 9.05 8.15
C GLN A 132 -21.18 8.88 9.38
N ASN A 133 -22.49 9.11 9.30
CA ASN A 133 -23.34 8.96 10.48
C ASN A 133 -23.88 7.55 10.68
N MET A 134 -23.76 6.65 9.71
CA MET A 134 -24.27 5.31 9.93
C MET A 134 -23.41 4.69 11.03
N LYS A 135 -24.04 3.97 11.95
CA LYS A 135 -23.27 3.28 12.98
C LYS A 135 -22.45 2.18 12.31
N PRO A 136 -21.15 2.10 12.56
CA PRO A 136 -20.35 1.07 11.90
C PRO A 136 -20.92 -0.32 12.12
N PHE A 137 -21.12 -1.03 11.00
CA PHE A 137 -21.54 -2.43 10.97
C PHE A 137 -22.99 -2.63 11.45
N GLU A 138 -23.80 -1.58 11.44
CA GLU A 138 -25.19 -1.69 11.87
C GLU A 138 -26.17 -1.27 10.77
N HIS B 7 -3.30 39.83 -9.56
CA HIS B 7 -2.15 38.99 -10.00
C HIS B 7 -2.62 37.54 -10.23
N HIS B 8 -3.76 37.42 -10.91
CA HIS B 8 -4.32 36.13 -11.33
C HIS B 8 -4.52 35.17 -10.15
N MET B 9 -4.97 35.70 -9.02
CA MET B 9 -5.32 34.92 -7.85
C MET B 9 -6.83 34.66 -7.82
N THR B 10 -7.29 33.96 -6.79
CA THR B 10 -8.73 33.77 -6.58
C THR B 10 -8.99 33.51 -5.10
N LEU B 11 -10.21 33.06 -4.76
CA LEU B 11 -10.52 32.69 -3.39
C LEU B 11 -9.49 31.68 -2.93
N THR B 12 -9.07 31.80 -1.66
CA THR B 12 -7.90 31.07 -1.18
C THR B 12 -8.11 30.47 0.18
N PHE B 13 -7.68 29.23 0.36
CA PHE B 13 -7.53 28.67 1.70
C PHE B 13 -6.13 29.04 2.17
N ASN B 14 -6.05 29.94 3.13
CA ASN B 14 -4.78 30.20 3.80
C ASN B 14 -4.70 29.26 4.99
N ILE B 15 -3.71 28.36 4.98
CA ILE B 15 -3.58 27.36 6.04
C ILE B 15 -2.15 27.38 6.57
N LYS B 16 -2.03 27.54 7.87
CA LYS B 16 -0.75 27.39 8.55
C LYS B 16 -0.75 26.01 9.20
N VAL B 17 0.16 25.15 8.76
CA VAL B 17 0.35 23.85 9.39
C VAL B 17 1.46 24.06 10.41
N ILE B 18 1.07 24.23 11.68
CA ILE B 18 2.06 24.65 12.66
C ILE B 18 2.83 23.45 13.18
N GLU B 19 2.13 22.49 13.79
CA GLU B 19 2.80 21.39 14.46
C GLU B 19 1.78 20.29 14.75
N ALA B 20 2.29 19.16 15.17
CA ALA B 20 1.45 18.06 15.64
C ALA B 20 2.06 17.54 16.92
N LYS B 21 1.23 16.83 17.68
CA LYS B 21 1.69 16.29 18.95
C LYS B 21 1.18 14.87 19.12
N ASP B 22 1.99 14.08 19.82
CA ASP B 22 1.63 12.73 20.25
C ASP B 22 1.32 11.80 19.07
N LEU B 23 2.12 11.91 18.01
CA LEU B 23 1.99 10.98 16.90
C LEU B 23 2.44 9.56 17.27
N PRO B 24 1.90 8.56 16.58
CA PRO B 24 2.27 7.17 16.87
C PRO B 24 3.58 6.74 16.23
N LYS B 25 4.10 5.63 16.73
CA LYS B 25 5.29 5.01 16.17
C LYS B 25 4.91 4.13 14.98
N VAL B 26 5.34 4.54 13.77
CA VAL B 26 4.95 3.83 12.56
C VAL B 26 6.11 3.48 11.63
N ASP B 27 7.30 4.06 11.86
CA ASP B 27 8.45 3.78 11.00
C ASP B 27 9.24 2.59 11.53
N THR B 28 9.70 1.74 10.61
CA THR B 28 10.42 0.52 11.00
C THR B 28 11.70 0.84 11.77
N PHE B 29 12.40 1.92 11.39
CA PHE B 29 13.65 2.29 12.05
C PHE B 29 13.44 3.18 13.25
N GLY B 30 12.21 3.45 13.63
CA GLY B 30 11.95 4.12 14.88
C GLY B 30 11.19 5.42 14.69
N LYS B 31 10.43 5.78 15.70
CA LYS B 31 9.65 7.01 15.69
C LYS B 31 8.84 7.06 14.38
N VAL B 32 8.63 8.28 13.88
CA VAL B 32 7.91 8.57 12.64
C VAL B 32 8.65 9.74 11.99
N ASP B 33 8.50 9.87 10.68
CA ASP B 33 9.13 10.95 9.92
C ASP B 33 8.00 11.70 9.23
N PRO B 34 7.28 12.53 9.95
CA PRO B 34 5.96 12.97 9.47
C PRO B 34 6.01 14.15 8.51
N TYR B 35 5.10 14.10 7.52
CA TYR B 35 4.75 15.27 6.73
C TYR B 35 3.25 15.28 6.54
N VAL B 36 2.73 16.45 6.19
CA VAL B 36 1.30 16.64 6.06
C VAL B 36 0.94 16.82 4.59
N GLN B 37 -0.06 16.07 4.13
CA GLN B 37 -0.61 16.25 2.80
CA GLN B 37 -0.61 16.25 2.80
C GLN B 37 -1.97 16.92 2.93
N ILE B 38 -2.16 18.01 2.19
CA ILE B 38 -3.44 18.71 2.16
C ILE B 38 -4.08 18.40 0.81
N GLN B 39 -5.27 17.83 0.83
CA GLN B 39 -5.98 17.49 -0.39
C GLN B 39 -7.25 18.34 -0.45
N LEU B 40 -7.38 19.10 -1.51
CA LEU B 40 -8.56 19.93 -1.76
C LEU B 40 -9.09 19.45 -3.10
N GLY B 41 -10.16 18.65 -3.06
CA GLY B 41 -10.61 18.01 -4.28
C GLY B 41 -9.54 17.03 -4.74
N ASN B 42 -9.16 17.10 -6.01
CA ASN B 42 -8.14 16.20 -6.54
C ASN B 42 -6.75 16.82 -6.53
N GLU B 43 -6.62 18.03 -6.00
CA GLU B 43 -5.33 18.71 -5.92
C GLU B 43 -4.73 18.47 -4.53
N LYS B 44 -3.45 18.14 -4.50
CA LYS B 44 -2.72 17.88 -3.27
C LYS B 44 -1.48 18.77 -3.19
N CYS B 45 -1.14 19.19 -1.98
CA CYS B 45 0.13 19.82 -1.71
C CYS B 45 0.62 19.29 -0.37
N LYS B 46 1.90 19.48 -0.09
CA LYS B 46 2.44 18.86 1.12
C LYS B 46 3.49 19.73 1.78
N THR B 47 3.69 19.50 3.07
CA THR B 47 4.77 20.07 3.84
C THR B 47 6.08 19.32 3.59
N LYS B 48 7.16 19.91 4.11
CA LYS B 48 8.42 19.20 4.23
C LYS B 48 8.30 18.10 5.29
N VAL B 49 9.25 17.17 5.20
CA VAL B 49 9.35 16.08 6.17
C VAL B 49 10.11 16.56 7.40
N ILE B 50 9.59 16.26 8.57
CA ILE B 50 10.36 16.40 9.80
C ILE B 50 10.85 15.01 10.17
N LYS B 51 12.16 14.85 10.33
CA LYS B 51 12.73 13.52 10.56
C LYS B 51 12.70 13.14 12.03
N LYS B 52 12.25 11.90 12.29
CA LYS B 52 12.31 11.25 13.60
C LYS B 52 11.76 12.14 14.71
N SER B 53 10.46 12.44 14.61
CA SER B 53 9.82 13.33 15.57
C SER B 53 8.38 12.94 15.77
N TYR B 54 8.01 12.66 17.03
CA TYR B 54 6.61 12.45 17.41
C TYR B 54 5.86 13.76 17.62
N ASN B 55 6.56 14.88 17.72
CA ASN B 55 5.98 16.19 17.98
C ASN B 55 6.55 17.19 16.99
N PRO B 56 6.31 16.97 15.70
CA PRO B 56 6.94 17.81 14.67
C PRO B 56 6.41 19.22 14.64
N VAL B 57 7.30 20.16 14.32
CA VAL B 57 6.95 21.56 14.10
C VAL B 57 7.34 21.90 12.67
N TRP B 58 6.34 22.16 11.84
CA TRP B 58 6.57 22.50 10.44
C TRP B 58 6.61 24.01 10.22
N ASN B 59 5.67 24.73 10.82
CA ASN B 59 5.54 26.17 10.63
C ASN B 59 5.50 26.54 9.14
N GLU B 60 4.68 25.83 8.39
CA GLU B 60 4.57 26.07 6.96
C GLU B 60 3.21 26.66 6.65
N THR B 61 3.21 27.67 5.79
CA THR B 61 2.01 28.41 5.45
C THR B 61 1.69 28.17 4.00
N PHE B 62 0.45 27.85 3.72
CA PHE B 62 -0.01 27.55 2.37
C PHE B 62 -1.07 28.57 1.97
N SER B 63 -1.11 28.86 0.68
CA SER B 63 -2.13 29.70 0.07
CA SER B 63 -2.14 29.70 0.07
C SER B 63 -2.69 28.88 -1.10
N ILE B 64 -3.77 28.15 -0.84
CA ILE B 64 -4.28 27.14 -1.76
C ILE B 64 -5.45 27.73 -2.54
N PRO B 65 -5.39 27.79 -3.87
CA PRO B 65 -6.53 28.33 -4.62
C PRO B 65 -7.73 27.40 -4.54
N VAL B 66 -8.89 27.99 -4.29
CA VAL B 66 -10.15 27.23 -4.25
C VAL B 66 -10.76 27.40 -5.62
N THR B 67 -10.49 26.42 -6.47
CA THR B 67 -11.01 26.41 -7.83
C THR B 67 -12.33 25.68 -7.90
N ASN B 68 -12.65 24.92 -6.86
CA ASN B 68 -13.90 24.15 -6.79
C ASN B 68 -14.42 24.34 -5.38
N PRO B 69 -15.40 25.20 -5.17
CA PRO B 69 -15.89 25.47 -3.79
C PRO B 69 -16.66 24.30 -3.19
N LYS B 70 -16.95 23.26 -3.96
CA LYS B 70 -17.61 22.09 -3.42
C LYS B 70 -16.62 21.04 -2.90
N ALA B 71 -15.34 21.23 -3.16
CA ALA B 71 -14.34 20.19 -2.89
C ALA B 71 -14.17 19.97 -1.39
N PRO B 72 -14.06 18.73 -0.95
CA PRO B 72 -13.73 18.47 0.45
C PRO B 72 -12.26 18.79 0.71
N LEU B 73 -11.98 19.17 1.94
CA LEU B 73 -10.63 19.43 2.43
C LEU B 73 -10.24 18.26 3.32
N ASN B 74 -9.25 17.50 2.89
CA ASN B 74 -8.80 16.31 3.60
C ASN B 74 -7.33 16.50 3.92
N ILE B 75 -6.98 16.32 5.19
CA ILE B 75 -5.62 16.48 5.67
C ILE B 75 -5.15 15.14 6.19
N THR B 76 -3.99 14.68 5.71
CA THR B 76 -3.43 13.42 6.16
C THR B 76 -2.01 13.66 6.65
N VAL B 77 -1.62 12.91 7.67
CA VAL B 77 -0.23 12.88 8.12
C VAL B 77 0.38 11.57 7.64
N VAL B 78 1.56 11.67 7.03
CA VAL B 78 2.20 10.60 6.28
C VAL B 78 3.60 10.39 6.86
N ASP B 79 4.00 9.12 6.94
CA ASP B 79 5.34 8.73 7.40
C ASP B 79 6.28 8.59 6.20
N TYR B 80 7.31 9.42 6.13
CA TYR B 80 8.31 9.24 5.08
C TYR B 80 9.12 7.99 5.39
N ASP B 81 9.21 7.10 4.41
CA ASP B 81 9.89 5.81 4.52
C ASP B 81 10.97 5.68 3.46
N PHE B 82 12.20 5.35 3.89
CA PHE B 82 13.32 5.17 2.97
C PHE B 82 13.19 3.93 2.11
N ILE B 83 12.39 2.96 2.51
CA ILE B 83 12.41 1.65 1.89
C ILE B 83 11.09 1.34 1.20
N GLY B 84 9.98 1.50 1.91
CA GLY B 84 8.68 1.21 1.36
C GLY B 84 7.99 2.47 0.85
N SER B 85 6.68 2.35 0.65
CA SER B 85 5.88 3.49 0.24
C SER B 85 5.71 4.43 1.41
N ASN B 86 5.46 5.72 1.11
CA ASN B 86 5.10 6.64 2.18
C ASN B 86 3.61 6.50 2.46
N ASP B 87 3.28 6.11 3.68
CA ASP B 87 1.93 5.70 4.03
C ASP B 87 1.30 6.64 5.04
N ALA B 88 0.07 7.04 4.77
CA ALA B 88 -0.67 7.84 5.73
C ALA B 88 -1.04 7.01 6.96
N PHE B 89 -1.01 7.65 8.13
CA PHE B 89 -1.41 7.00 9.37
C PHE B 89 -2.44 7.81 10.15
N ALA B 90 -2.78 9.01 9.71
CA ALA B 90 -3.75 9.84 10.43
C ALA B 90 -4.43 10.77 9.43
N TYR B 91 -5.66 11.18 9.76
CA TYR B 91 -6.40 12.04 8.85
C TYR B 91 -7.41 12.89 9.61
N ILE B 92 -7.81 13.98 8.95
CA ILE B 92 -8.99 14.75 9.36
CA ILE B 92 -8.97 14.76 9.35
C ILE B 92 -9.69 15.23 8.09
N HIS B 93 -11.01 15.24 8.13
CA HIS B 93 -11.83 15.65 7.00
C HIS B 93 -12.61 16.89 7.37
N PHE B 94 -12.65 17.85 6.45
CA PHE B 94 -13.46 19.05 6.58
C PHE B 94 -14.33 19.27 5.35
N ASN B 95 -15.56 19.72 5.55
CA ASN B 95 -16.38 20.29 4.48
CA ASN B 95 -16.34 20.27 4.45
C ASN B 95 -16.09 21.77 4.39
N GLN B 96 -16.08 22.33 3.17
CA GLN B 96 -15.78 23.75 3.03
C GLN B 96 -16.79 24.61 3.78
N GLN B 97 -18.02 24.11 3.97
CA GLN B 97 -18.98 24.88 4.74
C GLN B 97 -18.61 24.95 6.22
N GLU B 98 -17.59 24.24 6.68
CA GLU B 98 -17.14 24.42 8.04
C GLU B 98 -16.35 25.70 8.23
N PHE B 99 -15.91 26.35 7.15
CA PHE B 99 -15.12 27.57 7.21
C PHE B 99 -15.87 28.69 6.50
N ASN B 100 -15.94 29.83 7.15
CA ASN B 100 -16.62 31.01 6.60
C ASN B 100 -15.58 31.99 6.06
N VAL B 101 -15.87 32.58 4.90
CA VAL B 101 -14.94 33.51 4.29
C VAL B 101 -14.62 34.65 5.25
N GLY B 102 -13.34 34.95 5.39
CA GLY B 102 -12.89 36.03 6.23
C GLY B 102 -12.63 35.65 7.67
N GLN B 103 -13.03 34.45 8.08
CA GLN B 103 -12.90 34.02 9.46
C GLN B 103 -11.57 33.29 9.64
N VAL B 104 -10.78 33.72 10.63
CA VAL B 104 -9.53 33.04 10.96
C VAL B 104 -9.81 32.05 12.08
N VAL B 105 -9.56 30.77 11.80
CA VAL B 105 -9.81 29.69 12.75
C VAL B 105 -8.48 29.11 13.19
N ASP B 106 -8.16 29.26 14.47
CA ASP B 106 -6.91 28.76 15.07
C ASP B 106 -7.29 27.68 16.06
N LYS B 107 -7.01 26.42 15.71
CA LYS B 107 -7.54 25.30 16.48
C LYS B 107 -6.56 24.13 16.52
N TRP B 108 -6.60 23.40 17.63
CA TRP B 108 -6.05 22.06 17.71
C TRP B 108 -7.14 21.07 17.37
N TYR B 109 -6.85 20.16 16.46
CA TYR B 109 -7.79 19.13 16.04
C TYR B 109 -7.28 17.75 16.41
N MET B 110 -8.19 16.88 16.84
CA MET B 110 -7.82 15.48 17.04
C MET B 110 -7.60 14.81 15.68
N LEU B 111 -6.46 14.17 15.52
CA LEU B 111 -6.21 13.37 14.33
C LEU B 111 -6.90 12.03 14.49
N ASN B 112 -7.50 11.55 13.41
CA ASN B 112 -8.13 10.23 13.42
C ASN B 112 -7.13 9.17 12.97
N SER B 113 -7.06 8.09 13.74
CA SER B 113 -6.37 6.88 13.35
C SER B 113 -7.25 6.13 12.39
N TYR B 114 -6.64 5.32 11.51
CA TYR B 114 -7.42 4.39 10.71
C TYR B 114 -8.05 3.29 11.57
N LYS B 115 -7.55 3.06 12.80
CA LYS B 115 -8.22 2.15 13.73
C LYS B 115 -9.45 2.83 14.29
N ALA B 116 -10.62 2.19 14.16
CA ALA B 116 -11.86 2.93 14.38
C ALA B 116 -11.98 3.47 15.80
N GLY B 117 -12.44 4.72 15.88
CA GLY B 117 -12.66 5.36 17.16
C GLY B 117 -11.41 5.80 17.88
N ARG B 118 -10.22 5.61 17.31
CA ARG B 118 -8.97 5.90 17.99
C ARG B 118 -8.28 7.13 17.41
N SER B 119 -7.54 7.83 18.27
CA SER B 119 -6.78 9.01 17.89
C SER B 119 -5.32 8.67 17.52
N ALA B 120 -4.79 9.46 16.61
CA ALA B 120 -3.40 9.39 16.20
C ALA B 120 -2.66 10.69 16.54
N GLY B 121 -3.00 11.29 17.68
CA GLY B 121 -2.43 12.55 18.12
C GLY B 121 -3.32 13.73 17.75
N GLN B 122 -2.72 14.92 17.75
CA GLN B 122 -3.45 16.17 17.50
C GLN B 122 -2.62 17.04 16.59
N ILE B 123 -3.29 17.92 15.84
CA ILE B 123 -2.60 18.80 14.91
C ILE B 123 -3.10 20.22 15.09
N HIS B 124 -2.19 21.17 15.02
CA HIS B 124 -2.46 22.58 15.23
C HIS B 124 -2.44 23.27 13.87
N LEU B 125 -3.61 23.77 13.45
CA LEU B 125 -3.79 24.42 12.16
C LEU B 125 -4.41 25.79 12.36
N VAL B 126 -4.02 26.73 11.52
CA VAL B 126 -4.72 28.01 11.39
C VAL B 126 -5.29 28.01 9.97
N ILE B 127 -6.60 28.16 9.87
CA ILE B 127 -7.29 28.07 8.58
C ILE B 127 -8.07 29.35 8.37
N HIS B 128 -7.85 29.98 7.21
CA HIS B 128 -8.48 31.25 6.88
C HIS B 128 -8.86 31.19 5.41
N LEU B 129 -10.14 30.92 5.15
CA LEU B 129 -10.70 31.04 3.80
C LEU B 129 -10.92 32.51 3.51
N ALA B 130 -10.22 33.03 2.50
CA ALA B 130 -10.10 34.47 2.30
C ALA B 130 -10.25 34.82 0.82
N THR B 131 -10.79 36.01 0.55
CA THR B 131 -10.70 36.51 -0.81
C THR B 131 -9.28 37.01 -1.08
N GLN B 132 -8.98 37.25 -2.36
CA GLN B 132 -7.63 37.67 -2.72
C GLN B 132 -7.28 39.02 -2.10
N ASN B 133 -8.27 39.77 -1.67
CA ASN B 133 -7.98 41.14 -1.16
C ASN B 133 -7.66 41.11 0.34
N MET B 134 -7.99 40.02 1.03
CA MET B 134 -7.81 39.96 2.48
C MET B 134 -6.36 39.65 2.84
N LYS B 135 -5.88 40.29 3.90
CA LYS B 135 -4.56 39.93 4.42
C LYS B 135 -4.66 38.55 5.05
N PRO B 136 -3.81 37.60 4.68
CA PRO B 136 -3.87 36.28 5.31
C PRO B 136 -3.74 36.36 6.82
N PHE B 137 -4.67 35.72 7.52
CA PHE B 137 -4.65 35.53 8.97
C PHE B 137 -4.85 36.82 9.75
N GLU B 138 -5.39 37.86 9.12
CA GLU B 138 -5.63 39.13 9.81
C GLU B 138 -7.10 39.52 9.75
N HIS C 3 -31.42 -3.25 -8.26
CA HIS C 3 -30.15 -3.71 -8.89
C HIS C 3 -29.52 -2.59 -9.73
N HIS C 4 -28.22 -2.40 -9.54
CA HIS C 4 -27.46 -1.39 -10.26
C HIS C 4 -26.18 -2.03 -10.79
N HIS C 5 -25.59 -1.41 -11.80
CA HIS C 5 -24.37 -1.93 -12.38
C HIS C 5 -23.17 -1.54 -11.52
N HIS C 6 -22.28 -2.52 -11.31
CA HIS C 6 -21.12 -2.32 -10.45
C HIS C 6 -19.88 -2.76 -11.20
N HIS C 7 -18.81 -1.98 -11.06
CA HIS C 7 -17.52 -2.37 -11.61
C HIS C 7 -16.89 -3.46 -10.77
N HIS C 8 -16.39 -4.50 -11.42
CA HIS C 8 -15.64 -5.55 -10.75
C HIS C 8 -14.21 -5.64 -11.24
N MET C 9 -13.77 -4.74 -12.12
CA MET C 9 -12.44 -4.85 -12.68
C MET C 9 -11.34 -4.81 -11.62
N THR C 10 -10.49 -5.84 -11.65
CA THR C 10 -9.23 -5.85 -10.93
C THR C 10 -8.22 -6.46 -11.89
N LEU C 11 -6.95 -6.13 -11.70
CA LEU C 11 -5.89 -6.72 -12.49
C LEU C 11 -4.91 -7.47 -11.59
N THR C 12 -4.37 -8.55 -12.14
CA THR C 12 -3.41 -9.42 -11.46
C THR C 12 -2.31 -9.75 -12.45
N PHE C 13 -1.05 -9.68 -12.01
CA PHE C 13 0.08 -10.19 -12.79
C PHE C 13 0.25 -11.66 -12.43
N ASN C 14 0.03 -12.54 -13.42
CA ASN C 14 0.38 -13.95 -13.32
C ASN C 14 1.73 -14.15 -13.98
N ILE C 15 2.71 -14.63 -13.21
CA ILE C 15 4.09 -14.74 -13.68
C ILE C 15 4.60 -16.15 -13.41
N LYS C 16 5.12 -16.79 -14.46
CA LYS C 16 5.86 -18.03 -14.30
C LYS C 16 7.35 -17.71 -14.46
N VAL C 17 8.14 -18.02 -13.43
CA VAL C 17 9.59 -17.91 -13.48
C VAL C 17 10.09 -19.31 -13.84
N ILE C 18 10.44 -19.53 -15.10
CA ILE C 18 10.70 -20.88 -15.54
C ILE C 18 12.14 -21.29 -15.27
N GLU C 19 13.09 -20.55 -15.83
CA GLU C 19 14.48 -20.98 -15.83
C GLU C 19 15.34 -19.79 -16.26
N ALA C 20 16.65 -19.95 -16.09
CA ALA C 20 17.61 -19.02 -16.63
C ALA C 20 18.74 -19.81 -17.26
N LYS C 21 19.50 -19.13 -18.12
CA LYS C 21 20.64 -19.79 -18.73
C LYS C 21 21.80 -18.82 -18.83
N ASP C 22 23.01 -19.39 -18.74
CA ASP C 22 24.25 -18.65 -18.91
C ASP C 22 24.40 -17.53 -17.89
N LEU C 23 23.98 -17.80 -16.66
CA LEU C 23 24.23 -16.83 -15.61
C LEU C 23 25.73 -16.67 -15.38
N PRO C 24 26.17 -15.51 -14.94
CA PRO C 24 27.61 -15.26 -14.82
C PRO C 24 28.20 -15.84 -13.54
N LYS C 25 29.53 -15.94 -13.57
CA LYS C 25 30.28 -16.38 -12.37
C LYS C 25 30.53 -15.13 -11.51
N VAL C 26 29.64 -14.84 -10.56
CA VAL C 26 29.74 -13.65 -9.65
C VAL C 26 30.95 -13.73 -8.69
N ASP C 27 31.26 -14.90 -8.12
CA ASP C 27 32.49 -15.02 -7.29
C ASP C 27 33.55 -15.78 -8.09
N PHE C 29 34.84 -17.69 -5.70
CA PHE C 29 34.70 -18.87 -4.81
C PHE C 29 33.43 -19.64 -5.14
N GLY C 30 33.43 -20.35 -6.27
CA GLY C 30 32.31 -21.25 -6.61
C GLY C 30 31.15 -20.66 -7.38
N LYS C 31 30.20 -21.53 -7.70
CA LYS C 31 29.08 -21.10 -8.56
C LYS C 31 28.02 -20.36 -7.75
N VAL C 32 27.10 -19.75 -8.47
CA VAL C 32 26.01 -19.04 -7.83
C VAL C 32 24.96 -20.03 -7.35
N ASP C 33 24.14 -19.57 -6.38
CA ASP C 33 22.99 -20.29 -5.83
C ASP C 33 21.78 -19.40 -6.11
N PRO C 34 21.28 -19.42 -7.33
CA PRO C 34 20.39 -18.33 -7.75
C PRO C 34 18.94 -18.50 -7.31
N TYR C 35 18.32 -17.36 -7.01
CA TYR C 35 16.88 -17.26 -6.89
C TYR C 35 16.44 -15.95 -7.53
N VAL C 36 15.15 -15.86 -7.83
CA VAL C 36 14.58 -14.69 -8.50
C VAL C 36 13.65 -13.96 -7.55
N GLN C 37 13.84 -12.64 -7.45
CA GLN C 37 12.95 -11.75 -6.72
C GLN C 37 12.08 -11.01 -7.72
N ILE C 38 10.78 -11.00 -7.48
CA ILE C 38 9.81 -10.22 -8.24
C ILE C 38 9.29 -9.12 -7.35
N GLN C 39 9.36 -7.88 -7.84
CA GLN C 39 8.87 -6.73 -7.09
C GLN C 39 7.93 -5.91 -7.94
N LEU C 40 6.75 -5.66 -7.41
CA LEU C 40 5.76 -4.78 -8.04
C LEU C 40 5.40 -3.73 -6.99
N GLY C 41 6.04 -2.57 -7.07
CA GLY C 41 5.85 -1.60 -6.00
C GLY C 41 6.40 -2.18 -4.71
N ASN C 42 5.57 -2.20 -3.68
CA ASN C 42 5.98 -2.75 -2.40
C ASN C 42 5.63 -4.22 -2.23
N GLU C 43 5.07 -4.85 -3.25
CA GLU C 43 4.79 -6.29 -3.20
C GLU C 43 6.02 -7.01 -3.69
N LYS C 44 6.50 -7.96 -2.89
CA LYS C 44 7.69 -8.73 -3.20
C LYS C 44 7.42 -10.22 -3.03
N CYS C 45 7.92 -11.04 -3.95
CA CYS C 45 7.92 -12.48 -3.74
C CYS C 45 9.16 -13.04 -4.40
N LYS C 46 9.47 -14.30 -4.08
CA LYS C 46 10.72 -14.87 -4.56
C LYS C 46 10.57 -16.36 -4.82
N THR C 47 11.41 -16.86 -5.73
CA THR C 47 11.51 -18.29 -5.98
C THR C 47 12.34 -18.98 -4.90
N LYS C 48 12.29 -20.32 -4.92
CA LYS C 48 13.24 -21.11 -4.17
C LYS C 48 14.64 -20.91 -4.72
N VAL C 49 15.62 -21.28 -3.90
CA VAL C 49 17.02 -21.24 -4.27
C VAL C 49 17.40 -22.55 -4.95
N ILE C 50 18.08 -22.44 -6.09
CA ILE C 50 18.73 -23.58 -6.73
C ILE C 50 20.22 -23.52 -6.39
N LYS C 51 20.76 -24.62 -5.88
CA LYS C 51 22.14 -24.62 -5.42
C LYS C 51 23.09 -24.84 -6.60
N LYS C 52 24.17 -24.06 -6.63
CA LYS C 52 25.30 -24.33 -7.52
C LYS C 52 24.89 -24.54 -8.97
N SER C 53 24.32 -23.49 -9.59
CA SER C 53 23.80 -23.65 -10.94
C SER C 53 23.85 -22.35 -11.74
N TYR C 54 24.52 -22.39 -12.91
CA TYR C 54 24.44 -21.28 -13.85
C TYR C 54 23.25 -21.37 -14.77
N ASN C 55 22.56 -22.50 -14.80
CA ASN C 55 21.41 -22.71 -15.69
C ASN C 55 20.24 -23.25 -14.86
N PRO C 56 19.78 -22.49 -13.88
CA PRO C 56 18.75 -22.99 -12.96
C PRO C 56 17.39 -23.12 -13.60
N VAL C 57 16.64 -24.12 -13.11
CA VAL C 57 15.25 -24.33 -13.47
C VAL C 57 14.40 -24.25 -12.20
N TRP C 58 13.53 -23.25 -12.13
CA TRP C 58 12.65 -23.06 -10.98
C TRP C 58 11.24 -23.58 -11.20
N ASN C 59 10.64 -23.29 -12.36
CA ASN C 59 9.27 -23.69 -12.65
C ASN C 59 8.30 -23.26 -11.54
N GLU C 60 8.38 -21.99 -11.16
CA GLU C 60 7.53 -21.44 -10.10
C GLU C 60 6.59 -20.37 -10.63
N THR C 61 5.37 -20.39 -10.14
CA THR C 61 4.29 -19.52 -10.61
C THR C 61 3.85 -18.61 -9.48
N PHE C 62 3.61 -17.34 -9.82
CA PHE C 62 3.22 -16.32 -8.87
C PHE C 62 1.97 -15.59 -9.33
N SER C 63 1.26 -15.02 -8.35
CA SER C 63 0.08 -14.19 -8.58
CA SER C 63 0.08 -14.19 -8.58
C SER C 63 0.24 -12.91 -7.76
N ILE C 64 0.26 -11.75 -8.42
CA ILE C 64 0.54 -10.49 -7.75
C ILE C 64 -0.52 -9.48 -8.15
N PRO C 65 -1.30 -8.96 -7.21
CA PRO C 65 -2.34 -7.98 -7.55
C PRO C 65 -1.78 -6.61 -7.91
N VAL C 66 -2.49 -5.93 -8.81
CA VAL C 66 -2.18 -4.56 -9.20
C VAL C 66 -2.89 -3.64 -8.23
N THR C 67 -2.11 -2.89 -7.43
CA THR C 67 -2.67 -1.96 -6.47
C THR C 67 -2.37 -0.49 -6.77
N ASN C 68 -1.35 -0.22 -7.58
CA ASN C 68 -0.82 1.12 -7.83
C ASN C 68 -0.45 1.23 -9.30
N PRO C 69 -1.15 2.06 -10.07
CA PRO C 69 -0.86 2.11 -11.51
C PRO C 69 0.52 2.68 -11.81
N LYS C 70 1.22 3.26 -10.84
CA LYS C 70 2.55 3.76 -11.11
C LYS C 70 3.68 2.77 -10.82
N ALA C 71 3.38 1.63 -10.25
CA ALA C 71 4.43 0.72 -9.80
C ALA C 71 5.08 -0.02 -10.97
N PRO C 72 6.40 -0.02 -11.06
CA PRO C 72 7.08 -0.85 -12.07
C PRO C 72 7.21 -2.30 -11.62
N LEU C 73 7.35 -3.20 -12.59
CA LEU C 73 7.62 -4.61 -12.34
C LEU C 73 9.13 -4.82 -12.50
N ASN C 74 9.79 -5.22 -11.44
CA ASN C 74 11.23 -5.42 -11.43
C ASN C 74 11.54 -6.86 -11.07
N ILE C 75 12.40 -7.50 -11.87
CA ILE C 75 12.82 -8.87 -11.67
C ILE C 75 14.33 -8.86 -11.42
N THR C 76 14.76 -9.45 -10.30
CA THR C 76 16.17 -9.48 -9.95
C THR C 76 16.59 -10.93 -9.72
N VAL C 77 17.78 -11.27 -10.19
CA VAL C 77 18.38 -12.57 -9.90
C VAL C 77 19.46 -12.36 -8.85
N VAL C 78 19.41 -13.15 -7.79
CA VAL C 78 20.20 -12.98 -6.59
C VAL C 78 20.95 -14.27 -6.26
N ASP C 79 22.19 -14.13 -5.81
CA ASP C 79 23.02 -15.25 -5.34
C ASP C 79 22.81 -15.40 -3.84
N TYR C 80 22.16 -16.49 -3.45
CA TYR C 80 21.89 -16.77 -2.04
C TYR C 80 23.15 -17.20 -1.33
N ASP C 81 23.38 -16.64 -0.15
CA ASP C 81 24.52 -17.00 0.69
C ASP C 81 23.97 -17.72 1.91
N PHE C 82 24.42 -18.95 2.15
CA PHE C 82 23.80 -19.75 3.21
C PHE C 82 24.17 -19.27 4.60
N ILE C 83 25.18 -18.41 4.77
CA ILE C 83 25.39 -17.86 6.11
C ILE C 83 25.53 -16.36 6.12
N GLY C 84 25.85 -15.71 4.99
CA GLY C 84 26.08 -14.29 4.91
C GLY C 84 24.97 -13.60 4.14
N SER C 85 25.33 -12.42 3.60
CA SER C 85 24.38 -11.63 2.81
C SER C 85 24.19 -12.13 1.38
N ASN C 86 22.96 -12.04 0.89
CA ASN C 86 22.63 -12.39 -0.48
C ASN C 86 22.97 -11.22 -1.40
N ASP C 87 23.58 -11.50 -2.56
CA ASP C 87 24.00 -10.45 -3.48
C ASP C 87 23.32 -10.56 -4.83
N ALA C 88 22.68 -9.47 -5.24
CA ALA C 88 22.04 -9.35 -6.53
C ALA C 88 23.10 -9.24 -7.62
N PHE C 89 22.85 -9.88 -8.76
CA PHE C 89 23.80 -9.76 -9.85
C PHE C 89 23.18 -9.54 -11.23
N ALA C 90 21.86 -9.62 -11.40
CA ALA C 90 21.24 -9.40 -12.71
C ALA C 90 19.80 -8.93 -12.51
N TYR C 91 19.27 -8.20 -13.49
CA TYR C 91 17.91 -7.68 -13.35
C TYR C 91 17.29 -7.39 -14.71
N ILE C 92 15.96 -7.29 -14.72
CA ILE C 92 15.24 -6.70 -15.83
CA ILE C 92 15.21 -6.72 -15.84
C ILE C 92 14.15 -5.81 -15.24
N HIS C 93 14.01 -4.63 -15.82
CA HIS C 93 13.00 -3.67 -15.38
C HIS C 93 11.95 -3.55 -16.46
N PHE C 94 10.69 -3.60 -16.04
CA PHE C 94 9.56 -3.41 -16.93
C PHE C 94 8.72 -2.27 -16.36
N ASN C 95 8.07 -1.53 -17.24
CA ASN C 95 6.97 -0.67 -16.82
C ASN C 95 5.67 -1.45 -16.95
N GLN C 96 4.79 -1.30 -15.95
CA GLN C 96 3.42 -1.80 -16.08
C GLN C 96 2.81 -1.42 -17.42
N GLN C 97 3.23 -0.30 -18.01
CA GLN C 97 2.73 0.08 -19.32
C GLN C 97 3.30 -0.77 -20.44
N GLU C 98 4.29 -1.62 -20.18
CA GLU C 98 4.77 -2.53 -21.20
C GLU C 98 3.86 -3.73 -21.41
N PHE C 99 2.89 -3.95 -20.54
CA PHE C 99 2.08 -5.16 -20.58
C PHE C 99 0.64 -4.82 -20.90
N ASN C 100 0.08 -5.58 -21.83
CA ASN C 100 -1.29 -5.41 -22.27
C ASN C 100 -2.19 -6.43 -21.61
N VAL C 101 -3.35 -5.95 -21.13
CA VAL C 101 -4.31 -6.81 -20.47
C VAL C 101 -4.72 -7.93 -21.42
N GLY C 102 -4.71 -9.16 -20.90
CA GLY C 102 -5.14 -10.32 -21.65
C GLY C 102 -4.07 -11.03 -22.45
N GLN C 103 -2.89 -10.45 -22.59
CA GLN C 103 -1.86 -11.02 -23.45
C GLN C 103 -0.97 -11.94 -22.63
N VAL C 104 -0.79 -13.18 -23.09
CA VAL C 104 0.14 -14.10 -22.44
C VAL C 104 1.47 -13.96 -23.18
N VAL C 105 2.48 -13.50 -22.47
CA VAL C 105 3.78 -13.23 -23.05
C VAL C 105 4.72 -14.32 -22.55
N ASP C 106 5.20 -15.16 -23.45
CA ASP C 106 6.11 -16.27 -23.12
C ASP C 106 7.41 -16.01 -23.88
N LYS C 107 8.47 -15.64 -23.16
CA LYS C 107 9.63 -15.10 -23.84
C LYS C 107 10.88 -15.32 -23.02
N TRP C 108 12.00 -15.43 -23.73
CA TRP C 108 13.31 -15.32 -23.13
C TRP C 108 13.75 -13.85 -23.17
N TYR C 109 14.19 -13.33 -22.03
CA TYR C 109 14.67 -11.96 -21.91
C TYR C 109 16.16 -11.93 -21.62
N MET C 110 16.87 -11.01 -22.27
CA MET C 110 18.26 -10.76 -21.93
C MET C 110 18.32 -10.08 -20.55
N LEU C 111 19.11 -10.64 -19.64
CA LEU C 111 19.29 -10.04 -18.33
C LEU C 111 20.31 -8.91 -18.40
N ASN C 112 20.09 -7.88 -17.59
CA ASN C 112 21.06 -6.81 -17.42
C ASN C 112 21.96 -7.16 -16.24
N SER C 113 23.27 -7.01 -16.42
CA SER C 113 24.24 -7.29 -15.38
C SER C 113 24.46 -6.12 -14.43
N TYR C 114 24.64 -6.45 -13.15
CA TYR C 114 25.15 -5.46 -12.20
C TYR C 114 26.60 -5.11 -12.45
N LYS C 115 27.38 -6.03 -13.01
CA LYS C 115 28.77 -5.79 -13.42
C LYS C 115 28.81 -5.28 -14.86
N ALA C 116 29.36 -4.10 -15.05
CA ALA C 116 29.27 -3.43 -16.35
C ALA C 116 30.06 -4.20 -17.40
N GLY C 117 29.53 -4.20 -18.62
CA GLY C 117 30.20 -4.77 -19.77
C GLY C 117 30.22 -6.28 -19.84
N ARG C 118 29.64 -6.96 -18.86
CA ARG C 118 29.62 -8.42 -18.81
C ARG C 118 28.21 -8.92 -19.11
N SER C 119 28.15 -10.13 -19.66
CA SER C 119 26.86 -10.74 -19.97
C SER C 119 26.30 -11.39 -18.72
N ALA C 120 24.99 -11.29 -18.53
CA ALA C 120 24.35 -11.92 -17.39
C ALA C 120 23.42 -13.05 -17.80
N GLY C 121 23.44 -13.47 -19.06
CA GLY C 121 22.57 -14.57 -19.45
C GLY C 121 21.16 -14.11 -19.81
N GLN C 122 20.25 -15.07 -19.76
CA GLN C 122 18.86 -14.87 -20.16
C GLN C 122 17.93 -15.55 -19.19
N ILE C 123 16.71 -15.06 -19.09
CA ILE C 123 15.71 -15.61 -18.21
C ILE C 123 14.43 -15.89 -19.00
N HIS C 124 13.79 -17.01 -18.71
CA HIS C 124 12.58 -17.46 -19.40
C HIS C 124 11.41 -17.20 -18.47
N LEU C 125 10.53 -16.28 -18.89
CA LEU C 125 9.38 -15.86 -18.10
C LEU C 125 8.10 -15.97 -18.91
N VAL C 126 6.99 -16.28 -18.24
CA VAL C 126 5.66 -16.14 -18.79
C VAL C 126 4.93 -15.08 -17.96
N ILE C 127 4.42 -14.05 -18.61
CA ILE C 127 3.78 -12.94 -17.90
C ILE C 127 2.40 -12.74 -18.52
N HIS C 128 1.38 -12.70 -17.69
CA HIS C 128 -0.01 -12.57 -18.15
C HIS C 128 -0.71 -11.59 -17.21
N LEU C 129 -0.92 -10.36 -17.67
CA LEU C 129 -1.74 -9.40 -16.95
C LEU C 129 -3.21 -9.71 -17.20
N ALA C 130 -3.94 -10.05 -16.15
CA ALA C 130 -5.26 -10.66 -16.29
C ALA C 130 -6.30 -9.91 -15.49
N THR C 131 -7.49 -9.81 -16.06
CA THR C 131 -8.63 -9.32 -15.32
C THR C 131 -9.21 -10.42 -14.44
N GLN C 132 -10.19 -10.04 -13.62
CA GLN C 132 -10.88 -10.99 -12.76
C GLN C 132 -11.64 -12.03 -13.57
N ASN C 133 -11.92 -11.76 -14.85
CA ASN C 133 -12.65 -12.67 -15.71
C ASN C 133 -11.77 -13.69 -16.40
N MET C 134 -10.45 -13.48 -16.40
CA MET C 134 -9.51 -14.33 -17.12
C MET C 134 -8.93 -15.45 -16.29
N LYS C 135 -8.79 -16.63 -16.90
CA LYS C 135 -8.03 -17.73 -16.32
C LYS C 135 -6.53 -17.46 -16.46
N PRO C 136 -5.73 -17.67 -15.41
CA PRO C 136 -4.28 -17.47 -15.54
C PRO C 136 -3.68 -18.27 -16.70
N PHE C 137 -2.93 -17.58 -17.55
CA PHE C 137 -2.16 -18.15 -18.65
C PHE C 137 -3.02 -18.74 -19.74
N GLU C 138 -4.31 -18.40 -19.77
CA GLU C 138 -5.23 -18.93 -20.77
C GLU C 138 -5.87 -17.79 -21.56
#